data_5MT4
#
_entry.id   5MT4
#
_cell.length_a   55.476
_cell.length_b   50.839
_cell.length_c   39.366
_cell.angle_alpha   90.00
_cell.angle_beta   104.93
_cell.angle_gamma   90.00
#
_symmetry.space_group_name_H-M   'P 1 21 1'
#
loop_
_entity.id
_entity.type
_entity.pdbx_description
1 polymer 'Complement factor D'
2 non-polymer '2-[(phenylmethyl)carbamoylamino]benzoic acid'
3 water water
#
_entity_poly.entity_id   1
_entity_poly.type   'polypeptide(L)'
_entity_poly.pdbx_seq_one_letter_code
;ILGGREAEAHARPYMASVQLNGAHLCGGVLVAEQWVLSAAHCLEDAADGKVQVLLGAHSLSQPEPSKRLYDVLRAVPHPD
SQPDTIDHDLLLLQLSEKATLGPAVRPLPWQRVDRDVAPGTLCDVAGWGIVNHAGRRPDSLQHVLLPVLDRATCNRRTHH
DGAITERLMCAESNRRDSCKGDSGGPLVCGGVLEGVVTSGSRVCGNRKKPGIYTRVASYAAWIDSVLASAAA
;
_entity_poly.pdbx_strand_id   A
#
loop_
_chem_comp.id
_chem_comp.type
_chem_comp.name
_chem_comp.formula
M7O non-polymer '2-[(phenylmethyl)carbamoylamino]benzoic acid' 'C15 H14 N2 O3'
#
# COMPACT_ATOMS: atom_id res chain seq x y z
N ILE A 1 3.78 1.25 -10.58
CA ILE A 1 5.21 1.14 -10.19
C ILE A 1 6.04 1.55 -11.42
N LEU A 2 6.87 2.57 -11.23
CA LEU A 2 7.85 2.99 -12.27
C LEU A 2 9.23 2.36 -12.09
N GLY A 3 9.85 1.99 -13.20
CA GLY A 3 11.20 1.50 -13.13
C GLY A 3 11.32 0.12 -12.52
N GLY A 4 10.20 -0.58 -12.42
CA GLY A 4 10.19 -1.94 -11.90
C GLY A 4 10.11 -3.05 -12.91
N ARG A 5 9.50 -4.15 -12.52
CA ARG A 5 9.54 -5.39 -13.29
C ARG A 5 8.31 -6.16 -12.92
N GLU A 6 7.87 -7.02 -13.82
CA GLU A 6 6.78 -7.87 -13.43
C GLU A 6 7.20 -8.71 -12.24
N ALA A 7 6.31 -8.82 -11.24
CA ALA A 7 6.48 -9.72 -10.14
C ALA A 7 6.28 -11.20 -10.47
N GLU A 8 6.95 -12.05 -9.71
CA GLU A 8 6.72 -13.46 -9.85
C GLU A 8 5.27 -13.75 -9.36
N ALA A 9 4.53 -14.48 -10.19
CA ALA A 9 3.13 -14.75 -9.96
C ALA A 9 2.95 -15.40 -8.59
N HIS A 10 2.18 -14.74 -7.71
CA HIS A 10 1.74 -15.30 -6.42
C HIS A 10 2.81 -15.36 -5.39
N ALA A 11 3.94 -14.74 -5.70
CA ALA A 11 5.11 -14.70 -4.78
C ALA A 11 4.95 -13.73 -3.62
N ARG A 12 3.92 -12.90 -3.73
CA ARG A 12 3.53 -11.95 -2.69
C ARG A 12 2.11 -12.23 -2.31
N PRO A 13 1.86 -13.28 -1.51
CA PRO A 13 0.49 -13.77 -1.29
C PRO A 13 -0.37 -12.81 -0.49
N TYR A 14 0.28 -11.79 0.10
CA TYR A 14 -0.40 -10.80 0.91
C TYR A 14 -0.93 -9.66 0.05
N MET A 15 -0.60 -9.63 -1.24
CA MET A 15 -0.91 -8.44 -2.04
C MET A 15 -2.43 -8.42 -2.35
N ALA A 16 -3.07 -7.29 -2.17
CA ALA A 16 -4.52 -7.16 -2.46
C ALA A 16 -4.72 -6.03 -3.46
N SER A 17 -5.72 -6.19 -4.33
CA SER A 17 -6.20 -5.08 -5.17
C SER A 17 -7.53 -4.61 -4.56
N VAL A 18 -7.60 -3.33 -4.19
CA VAL A 18 -8.79 -2.74 -3.64
C VAL A 18 -9.52 -2.16 -4.82
N GLN A 19 -10.76 -2.59 -5.02
CA GLN A 19 -11.50 -2.23 -6.26
C GLN A 19 -12.74 -1.46 -5.99
N LEU A 20 -13.06 -0.59 -6.94
CA LEU A 20 -14.26 0.23 -6.84
C LEU A 20 -15.03 -0.01 -8.09
N ASN A 21 -16.28 -0.48 -7.90
CA ASN A 21 -17.18 -0.80 -9.05
C ASN A 21 -16.49 -1.65 -10.09
N GLY A 22 -15.80 -2.68 -9.60
CA GLY A 22 -15.17 -3.70 -10.42
C GLY A 22 -13.80 -3.39 -11.02
N ALA A 23 -13.28 -2.18 -10.82
CA ALA A 23 -11.98 -1.73 -11.35
C ALA A 23 -10.92 -1.55 -10.22
N HIS A 24 -9.66 -1.94 -10.49
CA HIS A 24 -8.58 -1.61 -9.57
C HIS A 24 -8.55 -0.10 -9.24
N LEU A 25 -8.47 0.20 -7.97
CA LEU A 25 -8.32 1.54 -7.51
C LEU A 25 -6.98 1.76 -6.78
N CYS A 26 -6.72 0.92 -5.75
CA CYS A 26 -5.57 1.13 -4.85
C CYS A 26 -5.00 -0.22 -4.51
N GLY A 27 -3.76 -0.25 -4.08
CA GLY A 27 -3.28 -1.54 -3.53
C GLY A 27 -3.78 -1.67 -2.10
N GLY A 28 -3.50 -2.84 -1.52
CA GLY A 28 -3.79 -3.07 -0.13
C GLY A 28 -3.00 -4.31 0.28
N VAL A 29 -3.01 -4.61 1.58
CA VAL A 29 -2.18 -5.69 2.10
C VAL A 29 -3.02 -6.52 3.09
N LEU A 30 -3.02 -7.86 2.89
CA LEU A 30 -3.78 -8.73 3.77
C LEU A 30 -2.93 -8.81 5.08
N VAL A 31 -3.53 -8.40 6.19
CA VAL A 31 -2.77 -8.39 7.47
C VAL A 31 -3.36 -9.34 8.53
N ALA A 32 -4.53 -9.86 8.23
CA ALA A 32 -5.20 -10.89 9.07
C ALA A 32 -6.13 -11.68 8.19
N GLU A 33 -6.68 -12.80 8.72
CA GLU A 33 -7.54 -13.60 7.76
C GLU A 33 -8.73 -12.80 7.17
N GLN A 34 -9.23 -11.81 7.91
CA GLN A 34 -10.45 -11.08 7.53
C GLN A 34 -10.23 -9.57 7.26
N TRP A 35 -8.97 -9.15 7.21
CA TRP A 35 -8.67 -7.70 7.21
C TRP A 35 -7.55 -7.34 6.20
N VAL A 36 -7.85 -6.32 5.43
CA VAL A 36 -6.89 -5.73 4.48
C VAL A 36 -6.63 -4.29 4.85
N LEU A 37 -5.34 -3.93 4.92
CA LEU A 37 -4.88 -2.59 5.23
C LEU A 37 -4.57 -1.85 3.91
N SER A 38 -5.02 -0.61 3.83
CA SER A 38 -4.85 0.22 2.65
C SER A 38 -4.77 1.69 3.10
N ALA A 39 -4.95 2.58 2.15
CA ALA A 39 -4.92 4.02 2.40
C ALA A 39 -6.31 4.66 2.43
N ALA A 40 -6.47 5.66 3.31
CA ALA A 40 -7.81 6.26 3.47
C ALA A 40 -8.26 7.11 2.29
N HIS A 41 -7.34 7.89 1.71
CA HIS A 41 -7.73 8.87 0.66
C HIS A 41 -8.28 8.09 -0.55
N CYS A 42 -7.79 6.87 -0.80
CA CYS A 42 -8.33 6.03 -1.88
C CYS A 42 -9.87 6.00 -1.87
N LEU A 43 -10.47 5.95 -0.68
CA LEU A 43 -11.88 5.70 -0.44
CA LEU A 43 -11.92 5.74 -0.56
C LEU A 43 -12.66 6.98 -0.05
N GLU A 44 -11.95 8.09 0.04
CA GLU A 44 -12.60 9.40 0.20
C GLU A 44 -13.62 9.60 -0.92
N ASP A 45 -13.34 8.98 -2.07
CA ASP A 45 -14.01 9.26 -3.37
C ASP A 45 -15.19 8.31 -3.62
N ALA A 46 -15.68 7.67 -2.55
CA ALA A 46 -16.31 6.36 -2.73
C ALA A 46 -17.82 6.15 -2.46
N ALA A 47 -18.34 6.57 -1.29
CA ALA A 47 -19.70 6.13 -0.78
C ALA A 47 -20.78 5.72 -1.81
N ASP A 48 -20.89 6.49 -2.90
CA ASP A 48 -21.55 6.00 -4.11
C ASP A 48 -20.57 5.02 -4.81
N GLY A 49 -20.42 3.82 -4.25
CA GLY A 49 -19.64 2.78 -4.93
C GLY A 49 -19.42 1.51 -4.14
N LYS A 50 -19.48 0.38 -4.85
CA LYS A 50 -19.22 -0.93 -4.28
C LYS A 50 -17.69 -1.11 -4.16
N VAL A 51 -17.21 -1.35 -2.95
CA VAL A 51 -15.79 -1.69 -2.71
C VAL A 51 -15.62 -3.18 -2.55
N GLN A 52 -14.64 -3.75 -3.24
CA GLN A 52 -14.36 -5.18 -3.09
C GLN A 52 -12.85 -5.36 -3.02
N VAL A 53 -12.39 -6.54 -2.60
CA VAL A 53 -10.93 -6.78 -2.48
C VAL A 53 -10.63 -8.05 -3.27
N LEU A 54 -9.74 -7.94 -4.22
CA LEU A 54 -9.25 -9.11 -4.98
C LEU A 54 -7.98 -9.70 -4.34
N LEU A 55 -8.07 -10.95 -3.89
CA LEU A 55 -6.90 -11.62 -3.29
C LEU A 55 -6.44 -12.74 -4.19
N GLY A 56 -5.19 -13.17 -4.03
CA GLY A 56 -4.75 -14.36 -4.75
C GLY A 56 -4.44 -14.13 -6.19
N ALA A 57 -4.35 -12.84 -6.58
CA ALA A 57 -4.22 -12.40 -7.98
C ALA A 57 -2.84 -12.06 -8.46
N HIS A 58 -2.61 -12.37 -9.75
CA HIS A 58 -1.46 -11.76 -10.43
C HIS A 58 -1.97 -10.88 -11.54
N SER A 59 -2.78 -11.47 -12.44
CA SER A 59 -3.50 -10.72 -13.47
C SER A 59 -4.79 -10.12 -12.96
N LEU A 60 -5.05 -8.88 -13.33
CA LEU A 60 -6.36 -8.26 -12.99
C LEU A 60 -7.59 -8.85 -13.74
N SER A 61 -7.34 -9.46 -14.88
CA SER A 61 -8.45 -9.70 -15.81
C SER A 61 -8.64 -11.20 -16.15
N GLN A 62 -7.60 -12.01 -15.94
CA GLN A 62 -7.63 -13.41 -16.35
C GLN A 62 -7.92 -14.35 -15.21
N PRO A 63 -8.56 -15.49 -15.48
CA PRO A 63 -8.81 -16.31 -14.29
C PRO A 63 -7.59 -17.09 -13.83
N GLU A 64 -7.54 -17.33 -12.51
CA GLU A 64 -6.45 -18.04 -11.82
C GLU A 64 -7.13 -18.79 -10.70
N PRO A 65 -6.71 -20.03 -10.42
CA PRO A 65 -7.32 -20.87 -9.36
C PRO A 65 -7.45 -20.19 -7.97
N SER A 66 -6.35 -19.53 -7.57
CA SER A 66 -6.20 -18.77 -6.32
C SER A 66 -6.99 -17.45 -6.26
N LYS A 67 -7.37 -16.91 -7.42
CA LYS A 67 -7.98 -15.55 -7.51
C LYS A 67 -9.40 -15.50 -6.98
N ARG A 68 -9.64 -14.65 -6.00
CA ARG A 68 -10.93 -14.59 -5.41
C ARG A 68 -11.26 -13.13 -5.03
N LEU A 69 -12.47 -12.72 -5.41
CA LEU A 69 -13.02 -11.41 -5.11
C LEU A 69 -13.88 -11.52 -3.87
N TYR A 70 -13.54 -10.71 -2.87
CA TYR A 70 -14.23 -10.63 -1.58
C TYR A 70 -14.99 -9.35 -1.49
N ASP A 71 -16.26 -9.43 -1.04
CA ASP A 71 -17.00 -8.24 -0.68
C ASP A 71 -16.47 -7.72 0.66
N VAL A 72 -16.83 -6.49 0.97
CA VAL A 72 -16.35 -5.83 2.18
C VAL A 72 -17.54 -5.59 3.14
N LEU A 73 -17.36 -6.03 4.37
CA LEU A 73 -18.33 -5.80 5.38
C LEU A 73 -18.27 -4.35 5.91
N ARG A 74 -17.06 -3.82 6.13
CA ARG A 74 -16.87 -2.55 6.82
C ARG A 74 -15.60 -1.94 6.26
N ALA A 75 -15.65 -0.65 5.98
CA ALA A 75 -14.41 0.13 5.78
C ALA A 75 -14.26 1.01 7.00
N VAL A 76 -13.07 0.95 7.59
CA VAL A 76 -12.72 1.71 8.79
C VAL A 76 -11.51 2.62 8.50
N PRO A 77 -11.75 3.89 8.16
CA PRO A 77 -10.67 4.86 7.98
C PRO A 77 -10.14 5.31 9.30
N HIS A 78 -8.85 5.59 9.38
CA HIS A 78 -8.29 6.06 10.66
C HIS A 78 -9.03 7.33 11.14
N PRO A 79 -9.36 7.41 12.47
CA PRO A 79 -10.15 8.50 12.99
C PRO A 79 -9.56 9.87 12.89
N ASP A 80 -8.25 9.96 12.73
CA ASP A 80 -7.59 11.28 12.66
C ASP A 80 -7.30 11.65 11.17
N SER A 81 -7.69 10.78 10.24
CA SER A 81 -7.48 11.08 8.82
C SER A 81 -8.37 12.27 8.35
N GLN A 82 -7.87 13.08 7.40
CA GLN A 82 -8.61 14.22 6.88
C GLN A 82 -8.23 14.43 5.43
N PRO A 83 -9.13 15.00 4.61
CA PRO A 83 -8.73 15.39 3.25
C PRO A 83 -7.55 16.37 3.34
N ASP A 84 -6.65 16.34 2.36
CA ASP A 84 -5.58 17.37 2.35
C ASP A 84 -4.60 17.34 3.56
N THR A 85 -4.46 16.19 4.23
CA THR A 85 -3.25 15.96 5.04
C THR A 85 -2.73 14.60 4.63
N ILE A 86 -1.40 14.39 4.70
CA ILE A 86 -0.80 13.10 4.38
C ILE A 86 -0.81 12.19 5.63
N ASP A 87 -1.18 12.77 6.76
CA ASP A 87 -1.01 12.15 8.07
C ASP A 87 -2.16 11.24 8.31
N HIS A 88 -1.94 10.15 9.07
CA HIS A 88 -3.05 9.21 9.46
C HIS A 88 -3.78 8.66 8.26
N ASP A 89 -3.04 8.39 7.18
CA ASP A 89 -3.69 8.03 5.95
C ASP A 89 -3.79 6.48 5.87
N LEU A 90 -4.46 5.84 6.86
CA LEU A 90 -4.69 4.37 6.78
C LEU A 90 -6.17 4.01 6.81
N LEU A 91 -6.48 2.84 6.27
CA LEU A 91 -7.84 2.32 6.16
C LEU A 91 -7.81 0.81 6.38
N LEU A 92 -8.76 0.27 7.17
CA LEU A 92 -8.90 -1.18 7.33
C LEU A 92 -10.19 -1.62 6.70
N LEU A 93 -10.09 -2.64 5.83
CA LEU A 93 -11.27 -3.20 5.21
C LEU A 93 -11.52 -4.58 5.82
N GLN A 94 -12.71 -4.75 6.44
CA GLN A 94 -13.10 -6.05 6.91
C GLN A 94 -13.77 -6.79 5.80
N LEU A 95 -13.18 -7.91 5.43
CA LEU A 95 -13.76 -8.78 4.40
C LEU A 95 -15.08 -9.37 4.87
N SER A 96 -15.95 -9.65 3.92
CA SER A 96 -17.26 -10.27 4.25
CA SER A 96 -17.25 -10.25 4.31
C SER A 96 -17.16 -11.61 4.96
N GLU A 97 -16.06 -12.32 4.71
CA GLU A 97 -15.77 -13.60 5.38
C GLU A 97 -14.26 -13.74 5.43
N LYS A 98 -13.77 -14.63 6.30
CA LYS A 98 -12.35 -14.91 6.33
C LYS A 98 -11.85 -15.39 4.95
N ALA A 99 -10.70 -14.87 4.52
CA ALA A 99 -10.11 -15.27 3.26
C ALA A 99 -9.69 -16.73 3.34
N THR A 100 -9.89 -17.44 2.22
CA THR A 100 -9.36 -18.80 2.12
C THR A 100 -7.85 -18.76 1.94
N LEU A 101 -7.15 -19.25 2.96
CA LEU A 101 -5.65 -19.16 2.93
C LEU A 101 -5.02 -20.31 2.15
N GLY A 102 -3.93 -20.01 1.44
CA GLY A 102 -3.19 -21.07 0.68
C GLY A 102 -1.83 -20.50 0.26
N PRO A 103 -1.09 -21.18 -0.61
CA PRO A 103 0.24 -20.69 -0.98
C PRO A 103 0.20 -19.30 -1.67
N ALA A 104 -0.96 -18.98 -2.27
CA ALA A 104 -1.16 -17.74 -2.97
C ALA A 104 -1.91 -16.65 -2.20
N VAL A 105 -2.43 -16.99 -1.01
CA VAL A 105 -3.18 -16.05 -0.21
C VAL A 105 -2.79 -16.25 1.25
N ARG A 106 -2.02 -15.30 1.78
CA ARG A 106 -1.51 -15.42 3.14
C ARG A 106 -1.27 -14.00 3.72
N PRO A 107 -1.68 -13.76 5.01
CA PRO A 107 -1.32 -12.46 5.61
C PRO A 107 0.19 -12.26 5.76
N LEU A 108 0.59 -10.98 5.74
CA LEU A 108 1.96 -10.57 5.95
C LEU A 108 2.14 -10.11 7.40
N PRO A 109 3.17 -10.60 8.12
CA PRO A 109 3.45 -10.06 9.43
C PRO A 109 3.86 -8.63 9.33
N TRP A 110 3.52 -7.83 10.31
CA TRP A 110 3.74 -6.42 10.18
C TRP A 110 4.50 -5.89 11.40
N GLN A 111 5.17 -4.75 11.21
CA GLN A 111 6.10 -4.25 12.22
C GLN A 111 5.36 -3.63 13.38
N ARG A 112 5.62 -4.14 14.59
CA ARG A 112 4.97 -3.66 15.83
CA ARG A 112 4.93 -3.64 15.80
C ARG A 112 5.88 -2.87 16.71
N VAL A 113 7.17 -2.96 16.42
CA VAL A 113 8.23 -2.24 17.17
C VAL A 113 8.47 -0.89 16.49
N ASP A 114 8.18 0.18 17.23
CA ASP A 114 8.25 1.53 16.70
C ASP A 114 9.70 2.11 16.67
N ARG A 115 10.46 1.68 15.68
CA ARG A 115 11.82 2.20 15.43
C ARG A 115 11.93 2.28 13.93
N ASP A 116 12.59 3.33 13.44
CA ASP A 116 12.75 3.51 11.98
C ASP A 116 13.57 2.38 11.32
N VAL A 117 13.17 2.05 10.08
CA VAL A 117 13.97 1.22 9.23
C VAL A 117 15.23 2.06 8.93
N ALA A 118 16.37 1.41 9.04
CA ALA A 118 17.67 2.04 8.86
C ALA A 118 17.77 2.63 7.42
N PRO A 119 18.29 3.88 7.29
CA PRO A 119 18.54 4.44 5.93
C PRO A 119 19.38 3.51 5.01
N GLY A 120 18.98 3.43 3.72
CA GLY A 120 19.59 2.53 2.74
C GLY A 120 19.05 1.13 2.65
N THR A 121 18.22 0.76 3.61
CA THR A 121 17.67 -0.61 3.63
C THR A 121 16.86 -0.71 2.36
N LEU A 122 17.03 -1.79 1.60
CA LEU A 122 16.22 -1.97 0.38
C LEU A 122 14.89 -2.61 0.70
N CYS A 123 13.80 -1.89 0.42
CA CYS A 123 12.48 -2.47 0.71
C CYS A 123 11.68 -2.70 -0.57
N ASP A 124 10.68 -3.58 -0.54
CA ASP A 124 10.05 -3.96 -1.76
C ASP A 124 8.67 -3.35 -1.78
N VAL A 125 8.30 -2.69 -2.88
N VAL A 125 8.30 -2.69 -2.88
CA VAL A 125 6.93 -2.19 -3.03
CA VAL A 125 6.94 -2.19 -3.02
C VAL A 125 6.29 -2.77 -4.30
C VAL A 125 6.32 -2.85 -4.26
N ALA A 126 5.04 -3.21 -4.21
CA ALA A 126 4.40 -3.90 -5.34
C ALA A 126 3.06 -3.25 -5.61
N GLY A 127 2.62 -3.31 -6.86
CA GLY A 127 1.30 -2.69 -7.18
C GLY A 127 0.87 -2.82 -8.63
N TRP A 128 -0.36 -2.43 -8.91
CA TRP A 128 -0.92 -2.50 -10.30
C TRP A 128 -1.11 -1.02 -10.77
N GLY A 129 -0.32 -0.12 -10.17
CA GLY A 129 -0.36 1.33 -10.42
C GLY A 129 0.33 1.64 -11.76
N ILE A 130 0.35 2.91 -12.13
CA ILE A 130 0.90 3.27 -13.45
C ILE A 130 2.37 2.85 -13.59
N VAL A 131 2.75 2.43 -14.79
CA VAL A 131 4.10 1.89 -15.06
C VAL A 131 4.94 2.83 -15.93
N ASN A 132 4.34 3.91 -16.41
CA ASN A 132 5.06 5.02 -17.10
C ASN A 132 4.44 6.39 -16.92
N HIS A 133 5.04 7.38 -17.60
CA HIS A 133 4.70 8.78 -17.39
C HIS A 133 3.47 9.29 -18.19
N ALA A 134 3.18 8.58 -19.27
CA ALA A 134 1.89 8.59 -19.97
C ALA A 134 0.62 8.16 -19.17
N GLY A 135 0.80 7.42 -18.08
CA GLY A 135 -0.36 6.82 -17.40
C GLY A 135 -0.78 5.40 -17.79
N ARG A 136 0.05 4.61 -18.50
CA ARG A 136 -0.28 3.17 -18.76
C ARG A 136 -0.52 2.32 -17.50
N ARG A 137 -1.49 1.40 -17.57
CA ARG A 137 -1.93 0.51 -16.41
C ARG A 137 -1.65 -0.95 -16.77
N PRO A 138 -0.84 -1.62 -15.95
CA PRO A 138 -0.50 -3.02 -16.18
C PRO A 138 -1.66 -3.94 -15.83
N ASP A 139 -1.83 -5.03 -16.58
CA ASP A 139 -2.69 -6.14 -16.14
C ASP A 139 -2.16 -6.92 -14.92
N SER A 140 -0.83 -7.04 -14.88
CA SER A 140 -0.15 -7.95 -13.95
C SER A 140 0.61 -7.17 -12.85
N LEU A 141 0.71 -7.78 -11.69
CA LEU A 141 1.40 -7.13 -10.57
C LEU A 141 2.87 -6.80 -10.93
N GLN A 142 3.26 -5.57 -10.62
CA GLN A 142 4.66 -5.14 -10.76
C GLN A 142 5.33 -4.90 -9.39
N HIS A 143 6.67 -4.80 -9.37
CA HIS A 143 7.30 -4.48 -8.07
C HIS A 143 8.65 -3.82 -8.33
N VAL A 144 9.17 -3.13 -7.30
CA VAL A 144 10.47 -2.50 -7.33
C VAL A 144 11.08 -2.49 -5.94
N LEU A 145 12.42 -2.54 -5.87
CA LEU A 145 13.15 -2.37 -4.63
C LEU A 145 13.63 -0.96 -4.54
N LEU A 146 13.41 -0.33 -3.38
CA LEU A 146 13.72 1.07 -3.18
C LEU A 146 14.46 1.18 -1.86
N PRO A 147 15.49 2.01 -1.81
CA PRO A 147 16.20 2.26 -0.55
C PRO A 147 15.49 3.29 0.32
N VAL A 148 15.37 3.02 1.62
CA VAL A 148 14.80 3.96 2.58
C VAL A 148 15.71 5.18 2.74
N LEU A 149 15.10 6.34 2.82
CA LEU A 149 15.81 7.61 2.78
C LEU A 149 15.60 8.24 4.12
N ASP A 150 16.68 8.60 4.85
CA ASP A 150 16.58 9.06 6.27
C ASP A 150 15.61 10.29 6.37
N ARG A 151 14.92 10.45 7.51
CA ARG A 151 13.81 11.44 7.66
C ARG A 151 14.37 12.84 7.64
N ALA A 152 15.45 13.02 8.42
CA ALA A 152 16.23 14.25 8.40
C ALA A 152 16.36 14.72 6.95
N THR A 153 16.87 13.86 6.05
CA THR A 153 17.01 14.21 4.60
C THR A 153 15.67 14.53 3.91
N CYS A 154 14.62 13.78 4.24
CA CYS A 154 13.32 13.89 3.54
C CYS A 154 12.58 15.22 3.83
N ASN A 155 12.91 15.80 4.98
CA ASN A 155 12.42 17.08 5.42
C ASN A 155 13.14 18.33 4.86
N ARG A 156 14.30 18.15 4.22
CA ARG A 156 14.97 19.26 3.47
C ARG A 156 14.06 19.95 2.39
N ARG A 157 14.36 21.23 2.09
CA ARG A 157 13.44 22.21 1.46
C ARG A 157 12.93 21.92 0.02
N THR A 158 13.88 21.70 -0.90
CA THR A 158 13.57 21.31 -2.30
C THR A 158 13.04 19.84 -2.40
N HIS A 159 12.81 19.24 -1.23
CA HIS A 159 12.21 17.90 -1.06
C HIS A 159 10.73 17.96 -0.65
N HIS A 160 10.46 17.49 0.56
CA HIS A 160 9.09 17.45 1.08
C HIS A 160 8.84 18.44 2.21
N ASP A 161 9.93 18.98 2.78
CA ASP A 161 9.90 20.26 3.54
C ASP A 161 8.87 20.35 4.68
N GLY A 162 9.26 19.91 5.87
CA GLY A 162 8.45 20.11 7.09
C GLY A 162 7.40 19.06 7.43
N ALA A 163 6.71 18.56 6.41
CA ALA A 163 5.57 17.64 6.61
C ALA A 163 5.91 16.30 7.28
N ILE A 164 7.02 15.67 6.88
CA ILE A 164 7.37 14.30 7.32
C ILE A 164 7.54 14.08 8.86
N THR A 165 6.47 13.57 9.48
CA THR A 165 6.45 13.41 10.95
C THR A 165 7.08 12.08 11.32
N GLU A 166 7.13 11.79 12.60
CA GLU A 166 7.67 10.51 13.05
C GLU A 166 6.85 9.31 12.56
N ARG A 167 5.62 9.55 12.08
CA ARG A 167 4.73 8.45 11.60
C ARG A 167 4.82 8.16 10.12
N LEU A 168 5.69 8.88 9.44
CA LEU A 168 5.90 8.71 8.02
C LEU A 168 7.34 8.27 7.77
N MET A 169 7.57 7.55 6.70
CA MET A 169 8.91 7.19 6.28
C MET A 169 9.01 7.44 4.79
N CYS A 170 10.23 7.65 4.34
CA CYS A 170 10.43 7.98 2.93
C CYS A 170 11.36 6.99 2.26
N ALA A 171 11.18 6.85 0.95
CA ALA A 171 12.09 6.04 0.12
C ALA A 171 12.49 6.79 -1.13
N GLU A 172 13.65 6.41 -1.68
CA GLU A 172 14.05 7.06 -2.94
C GLU A 172 13.06 6.90 -4.08
N SER A 173 13.07 7.91 -4.96
CA SER A 173 12.17 7.93 -6.10
C SER A 173 12.94 8.23 -7.40
N ASN A 174 14.24 8.05 -7.38
CA ASN A 174 15.05 8.33 -8.60
C ASN A 174 14.80 7.35 -9.77
N ARG A 175 13.87 7.70 -10.68
CA ARG A 175 13.34 6.80 -11.77
C ARG A 175 12.64 5.47 -11.38
N ARG A 176 12.83 5.02 -10.15
CA ARG A 176 12.14 3.85 -9.63
C ARG A 176 11.30 4.39 -8.51
N ASP A 177 10.01 4.05 -8.51
CA ASP A 177 9.10 4.67 -7.54
C ASP A 177 7.74 3.96 -7.59
N SER A 178 6.92 4.25 -6.57
CA SER A 178 5.50 3.89 -6.64
C SER A 178 4.77 5.10 -7.23
N CYS A 179 3.60 4.89 -7.80
CA CYS A 179 2.88 5.96 -8.44
C CYS A 179 1.41 5.80 -8.20
N LYS A 180 0.64 6.69 -8.81
CA LYS A 180 -0.85 6.61 -8.73
C LYS A 180 -1.38 5.19 -8.97
N GLY A 181 -2.22 4.71 -8.06
CA GLY A 181 -2.75 3.37 -8.25
C GLY A 181 -1.96 2.37 -7.42
N ASP A 182 -0.77 2.74 -6.96
CA ASP A 182 -0.01 1.90 -6.02
C ASP A 182 -0.30 2.31 -4.56
N SER A 183 -0.99 3.43 -4.37
CA SER A 183 -1.38 3.92 -3.07
C SER A 183 -2.08 2.83 -2.31
N GLY A 184 -1.79 2.74 -1.01
CA GLY A 184 -2.44 1.72 -0.16
C GLY A 184 -1.71 0.41 -0.13
N GLY A 185 -0.77 0.20 -1.02
CA GLY A 185 -0.07 -1.07 -1.05
C GLY A 185 1.15 -1.10 -0.14
N PRO A 186 1.82 -2.22 -0.11
CA PRO A 186 2.82 -2.49 0.96
C PRO A 186 4.22 -2.08 0.63
N LEU A 187 4.90 -1.56 1.62
CA LEU A 187 6.34 -1.40 1.54
C LEU A 187 6.87 -2.44 2.50
N VAL A 188 7.60 -3.41 1.98
CA VAL A 188 8.02 -4.57 2.82
C VAL A 188 9.54 -4.59 2.95
N CYS A 189 10.07 -4.69 4.17
CA CYS A 189 11.54 -4.68 4.38
C CYS A 189 11.86 -5.90 5.23
N GLY A 190 12.85 -6.65 4.77
CA GLY A 190 13.19 -7.95 5.40
C GLY A 190 11.99 -8.80 5.69
N GLY A 191 11.03 -8.83 4.78
CA GLY A 191 9.88 -9.75 4.88
C GLY A 191 8.80 -9.31 5.86
N VAL A 192 8.93 -8.09 6.37
CA VAL A 192 7.91 -7.55 7.26
C VAL A 192 7.29 -6.32 6.68
N LEU A 193 5.99 -6.14 6.90
CA LEU A 193 5.36 -4.87 6.44
C LEU A 193 5.80 -3.71 7.26
N GLU A 194 6.37 -2.70 6.59
CA GLU A 194 6.84 -1.53 7.34
C GLU A 194 6.03 -0.32 7.01
N GLY A 195 5.61 -0.18 5.74
CA GLY A 195 4.90 1.03 5.38
C GLY A 195 3.75 0.72 4.46
N VAL A 196 2.87 1.71 4.34
CA VAL A 196 1.75 1.66 3.36
C VAL A 196 1.89 2.87 2.48
N VAL A 197 1.90 2.65 1.17
CA VAL A 197 2.06 3.77 0.20
C VAL A 197 0.97 4.82 0.49
N THR A 198 1.40 6.08 0.66
CA THR A 198 0.40 7.17 0.88
C THR A 198 -0.37 7.49 -0.39
N SER A 199 -1.55 8.12 -0.25
CA SER A 199 -2.42 8.24 -1.40
C SER A 199 -2.56 9.73 -1.85
N GLY A 200 -1.84 10.65 -1.23
CA GLY A 200 -1.80 12.04 -1.85
C GLY A 200 -1.26 12.09 -3.29
N SER A 201 -1.68 13.08 -4.08
CA SER A 201 -1.15 13.24 -5.47
C SER A 201 0.33 13.66 -5.35
N ARG A 202 1.18 13.08 -6.20
CA ARG A 202 2.53 13.62 -6.25
C ARG A 202 3.17 13.13 -7.48
N VAL A 203 4.24 13.81 -7.90
CA VAL A 203 4.91 13.35 -9.10
C VAL A 203 5.63 12.03 -8.82
N CYS A 204 5.82 11.22 -9.86
CA CYS A 204 6.39 9.85 -9.70
C CYS A 204 7.70 9.82 -10.39
N GLY A 205 8.67 9.14 -9.77
CA GLY A 205 9.96 8.91 -10.41
C GLY A 205 10.91 10.13 -10.49
N ASN A 206 10.61 11.19 -9.74
CA ASN A 206 11.52 12.35 -9.63
C ASN A 206 12.32 12.33 -8.33
N ARG A 207 13.65 12.26 -8.46
CA ARG A 207 14.54 12.13 -7.31
C ARG A 207 14.31 13.22 -6.26
N LYS A 208 13.77 14.36 -6.66
CA LYS A 208 13.61 15.50 -5.74
C LYS A 208 12.33 15.42 -4.92
N LYS A 209 11.49 14.44 -5.24
CA LYS A 209 10.21 14.28 -4.57
C LYS A 209 10.07 12.81 -4.13
N PRO A 210 10.70 12.46 -2.99
CA PRO A 210 10.72 11.05 -2.51
C PRO A 210 9.35 10.49 -2.27
N GLY A 211 9.23 9.17 -2.40
CA GLY A 211 7.99 8.46 -1.98
C GLY A 211 7.79 8.60 -0.49
N ILE A 212 6.52 8.75 -0.09
CA ILE A 212 6.13 8.82 1.33
C ILE A 212 5.27 7.59 1.64
N TYR A 213 5.55 6.98 2.80
CA TYR A 213 4.91 5.73 3.21
C TYR A 213 4.52 5.93 4.67
N THR A 214 3.30 5.50 4.98
CA THR A 214 2.83 5.59 6.37
C THR A 214 3.43 4.43 7.19
N ARG A 215 4.05 4.73 8.33
CA ARG A 215 4.72 3.66 9.11
C ARG A 215 3.71 2.86 9.90
N VAL A 216 3.56 1.56 9.62
CA VAL A 216 2.49 0.85 10.29
C VAL A 216 2.80 0.76 11.81
N ALA A 217 4.09 0.70 12.22
CA ALA A 217 4.34 0.54 13.68
C ALA A 217 3.77 1.70 14.49
N SER A 218 3.75 2.89 13.84
CA SER A 218 3.15 4.09 14.48
C SER A 218 1.70 3.92 14.82
N TYR A 219 1.06 2.95 14.15
CA TYR A 219 -0.37 2.80 14.21
C TYR A 219 -0.74 1.47 14.81
N ALA A 220 0.17 0.85 15.52
CA ALA A 220 -0.08 -0.52 15.96
C ALA A 220 -1.28 -0.60 16.92
N ALA A 221 -1.41 0.30 17.93
CA ALA A 221 -2.66 0.27 18.74
C ALA A 221 -3.99 0.40 17.99
N TRP A 222 -4.02 1.30 16.99
CA TRP A 222 -5.23 1.52 16.27
C TRP A 222 -5.59 0.24 15.49
N ILE A 223 -4.61 -0.35 14.80
CA ILE A 223 -4.84 -1.58 14.00
C ILE A 223 -5.37 -2.68 14.97
N ASP A 224 -4.68 -2.87 16.11
CA ASP A 224 -5.16 -3.86 17.12
C ASP A 224 -6.58 -3.64 17.59
N SER A 225 -6.90 -2.40 17.92
CA SER A 225 -8.22 -1.98 18.36
C SER A 225 -9.34 -2.27 17.37
N VAL A 226 -9.08 -1.94 16.09
CA VAL A 226 -10.04 -2.22 15.00
C VAL A 226 -10.34 -3.68 14.82
N LEU A 227 -9.29 -4.48 14.79
CA LEU A 227 -9.48 -5.93 14.65
C LEU A 227 -10.16 -6.50 15.90
N ALA A 228 -9.82 -5.95 17.07
CA ALA A 228 -10.44 -6.47 18.28
C ALA A 228 -11.95 -6.21 18.22
C3 M7O B . -6.95 4.61 -10.31
C11 M7O B . -3.59 2.38 -12.15
C13 M7O B . -3.49 3.76 -11.86
C15 M7O B . -4.55 4.49 -11.28
C17 M7O B . -6.91 5.96 -8.21
C21 M7O B . -6.71 7.00 -5.93
C22 M7O B . -5.61 7.46 -5.21
C23 M7O B . -5.77 8.49 -4.22
C25 M7O B . -7.04 9.07 -3.98
C27 M7O B . -8.14 8.61 -4.70
C29 M7O B . -7.99 7.60 -5.67
N1 M7O B . -6.66 4.81 -8.89
C6 M7O B . -5.77 3.86 -10.97
C7 M7O B . -5.91 2.49 -11.31
C9 M7O B . -4.81 1.76 -11.89
O18 M7O B . -7.52 6.93 -8.78
N19 M7O B . -6.52 5.95 -6.89
C31 M7O B . -4.23 6.92 -5.44
O32 M7O B . -3.95 5.94 -6.16
O33 M7O B . -3.25 7.58 -4.84
#